data_5I5Z
#
_entry.id   5I5Z
#
_cell.length_a   70.749
_cell.length_b   71.282
_cell.length_c   171.953
_cell.angle_alpha   90.00
_cell.angle_beta   90.00
_cell.angle_gamma   90.00
#
_symmetry.space_group_name_H-M   'P 21 21 21'
#
loop_
_entity.id
_entity.type
_entity.pdbx_description
1 polymer 'Cyclin-dependent kinase 8'
2 polymer Cyclin-C
3 non-polymer N-methyl-8-(1-methyl-2,2-dioxo-2,3-dihydro-1H-2lambda~6~,1-benzothiazol-5-yl)-1,6-naphthyridine-2-carboxamide
4 non-polymer 'FORMIC ACID'
5 water water
#
loop_
_entity_poly.entity_id
_entity_poly.type
_entity_poly.pdbx_seq_one_letter_code
_entity_poly.pdbx_strand_id
1 'polypeptide(L)'
;DDKMDYDFKVKLSSERERVEDLFEYEGCKVGRGTYGHVYKAKRKDGKDDKDYALKQIEGTGISMSACREIALLRELKHPN
VISLQKVFLSHADRKVWLLFDYAEHDLWHIIKFHRASKANKKPVQLPRGMVKSLLYQILDGIHYLHANWVLHRDLKPANI
LVMGEGPERGRVKIADMGFARLFNSPLKPLADLDPVVVTFWYRAPELLLGARHYTKAIDIWAIGCIFAELLTSEPIFHCR
QEDIKTSNPYHHDQLDRIFNVMGFPADKDWEDIKKMPEHSTLMKDFRRNTYTNCSLIKYMEKHKVKPDSKAFHLLQKLLT
MDPIKRITSEQAMQDPYFLEDPLPTSDVFAGCQIPYPKREFLTEEPPLKK
;
A
2 'polypeptide(L)'
;KAMAGNFWQSSHYLQWILDKQDLLKERQKDLKFLSEEEYWKLQIFFTNVIQALGEHLKLRQQVIATATVYFKRFYARYSL
KSIDPVLMAPTCVFLASKVEEFGVVSNTRLIAAATSVLKTRFSYAFPKEFPYRMNHILECEFYLLELMDCCLIVYHPYRP
LLQYVQDMGQEDMLLPLAWRIVNDTYRTDLCLLYPPFMIALACLHVACVVQQKDARQWFAELSVDMEKILEIIRVILKLY
EQWKNFDERKEMATILSKMPKPKPPP
;
B
#
loop_
_chem_comp.id
_chem_comp.type
_chem_comp.name
_chem_comp.formula
68U non-polymer N-methyl-8-(1-methyl-2,2-dioxo-2,3-dihydro-1H-2lambda~6~,1-benzothiazol-5-yl)-1,6-naphthyridine-2-carboxamide 'C18 H16 N4 O3 S'
FMT non-polymer 'FORMIC ACID' 'C H2 O2'
#
# COMPACT_ATOMS: atom_id res chain seq x y z
N ASP A 1 6.86 -15.18 26.57
CA ASP A 1 6.99 -13.89 27.33
C ASP A 1 6.36 -14.00 28.73
N ASP A 2 7.06 -13.52 29.75
CA ASP A 2 6.57 -13.49 31.15
C ASP A 2 5.52 -12.38 31.34
N LYS A 3 5.79 -11.18 30.80
CA LYS A 3 4.85 -10.04 30.84
C LYS A 3 3.95 -9.94 29.57
N MET A 4 3.57 -11.09 29.02
CA MET A 4 2.37 -11.23 28.18
C MET A 4 1.43 -12.21 28.87
N ASP A 5 0.13 -11.92 28.82
CA ASP A 5 -0.85 -12.67 29.58
C ASP A 5 -0.98 -14.09 29.04
N TYR A 6 -0.78 -15.07 29.92
CA TYR A 6 -0.76 -16.48 29.52
C TYR A 6 -2.09 -16.91 28.89
N ASP A 7 -3.19 -16.49 29.51
CA ASP A 7 -4.54 -16.87 29.06
C ASP A 7 -4.88 -16.28 27.71
N PHE A 8 -4.47 -15.04 27.50
CA PHE A 8 -4.53 -14.38 26.20
C PHE A 8 -3.66 -15.10 25.14
N LYS A 9 -2.47 -15.54 25.53
CA LYS A 9 -1.55 -16.24 24.62
C LYS A 9 -2.04 -17.64 24.19
N VAL A 10 -2.61 -18.42 25.13
CA VAL A 10 -3.13 -19.78 24.80
C VAL A 10 -4.49 -19.79 24.13
N LYS A 11 -5.35 -18.83 24.46
CA LYS A 11 -6.65 -18.66 23.77
C LYS A 11 -6.40 -18.32 22.30
N LEU A 12 -5.58 -17.32 22.03
CA LEU A 12 -5.21 -17.01 20.62
C LEU A 12 -4.50 -18.17 19.94
N SER A 13 -3.73 -18.95 20.70
CA SER A 13 -3.08 -20.14 20.14
C SER A 13 -4.08 -21.25 19.80
N SER A 14 -5.05 -21.48 20.67
CA SER A 14 -6.18 -22.37 20.39
C SER A 14 -6.92 -21.99 19.10
N GLU A 15 -7.10 -20.69 18.87
CA GLU A 15 -7.96 -20.16 17.80
C GLU A 15 -7.25 -19.86 16.48
N ARG A 16 -5.93 -19.86 16.44
CA ARG A 16 -5.23 -19.37 15.25
C ARG A 16 -5.40 -20.35 14.08
N GLU A 17 -5.73 -19.81 12.91
CA GLU A 17 -5.77 -20.59 11.68
C GLU A 17 -4.33 -20.76 11.19
N ARG A 18 -3.88 -22.01 11.15
CA ARG A 18 -2.54 -22.36 10.66
C ARG A 18 -2.65 -22.81 9.20
N VAL A 19 -1.78 -22.26 8.35
CA VAL A 19 -1.84 -22.53 6.90
C VAL A 19 -1.73 -24.02 6.54
N GLU A 20 -0.78 -24.72 7.17
CA GLU A 20 -0.58 -26.16 6.93
C GLU A 20 -1.80 -27.03 7.26
N ASP A 21 -2.63 -26.59 8.20
CA ASP A 21 -3.89 -27.27 8.54
C ASP A 21 -5.00 -27.02 7.52
N LEU A 22 -5.05 -25.80 6.96
CA LEU A 22 -6.19 -25.39 6.10
C LEU A 22 -6.06 -25.76 4.63
N PHE A 23 -4.86 -25.69 4.06
CA PHE A 23 -4.66 -25.95 2.63
C PHE A 23 -3.74 -27.13 2.37
N GLU A 24 -3.91 -27.73 1.19
CA GLU A 24 -3.02 -28.75 0.64
C GLU A 24 -2.21 -28.06 -0.45
N TYR A 25 -0.88 -28.07 -0.28
CA TYR A 25 0.04 -27.47 -1.24
C TYR A 25 1.41 -28.16 -1.36
N GLU A 26 1.57 -29.29 -0.69
CA GLU A 26 2.85 -29.97 -0.65
C GLU A 26 3.20 -30.51 -2.05
N GLY A 27 4.38 -30.17 -2.54
CA GLY A 27 4.84 -30.56 -3.89
C GLY A 27 4.19 -29.81 -5.04
N CYS A 28 3.53 -28.70 -4.73
CA CYS A 28 2.77 -27.93 -5.71
C CYS A 28 3.33 -26.52 -5.84
N LYS A 29 4.64 -26.39 -5.67
CA LYS A 29 5.32 -25.12 -5.85
C LYS A 29 5.28 -24.81 -7.33
N VAL A 30 4.83 -23.61 -7.66
CA VAL A 30 4.65 -23.16 -9.04
C VAL A 30 5.47 -21.89 -9.40
N GLY A 31 5.96 -21.16 -8.39
CA GLY A 31 6.85 -20.02 -8.59
C GLY A 31 7.89 -19.91 -7.50
N ARG A 32 9.06 -19.39 -7.87
CA ARG A 32 10.18 -19.17 -6.95
C ARG A 32 11.02 -17.99 -7.46
N GLY A 33 11.12 -16.93 -6.65
CA GLY A 33 11.93 -15.76 -7.01
C GLY A 33 12.36 -14.94 -5.82
N THR A 34 12.74 -13.68 -6.07
CA THR A 34 13.05 -12.71 -5.02
C THR A 34 11.91 -12.67 -3.99
N TYR A 35 10.69 -12.52 -4.51
CA TYR A 35 9.43 -12.56 -3.73
C TYR A 35 9.25 -13.69 -2.71
N GLY A 36 9.92 -14.81 -2.94
CA GLY A 36 9.87 -15.97 -2.05
C GLY A 36 9.40 -17.18 -2.84
N HIS A 37 8.26 -17.76 -2.44
CA HIS A 37 7.78 -19.04 -3.00
C HIS A 37 6.27 -18.98 -3.23
N VAL A 38 5.78 -19.56 -4.32
CA VAL A 38 4.33 -19.60 -4.62
C VAL A 38 3.88 -21.03 -4.92
N TYR A 39 2.78 -21.45 -4.28
CA TYR A 39 2.25 -22.81 -4.41
C TYR A 39 0.81 -22.74 -4.89
N LYS A 40 0.43 -23.63 -5.80
CA LYS A 40 -0.98 -23.88 -6.15
C LYS A 40 -1.57 -24.76 -5.05
N ALA A 41 -2.77 -24.43 -4.59
CA ALA A 41 -3.32 -25.06 -3.39
C ALA A 41 -4.84 -25.31 -3.45
N LYS A 42 -5.25 -26.40 -2.81
CA LYS A 42 -6.65 -26.76 -2.64
C LYS A 42 -6.96 -26.61 -1.14
N ARG A 43 -8.24 -26.40 -0.82
CA ARG A 43 -8.69 -26.26 0.57
C ARG A 43 -9.04 -27.63 1.17
N LYS A 44 -8.54 -27.92 2.37
CA LYS A 44 -8.79 -29.21 3.05
C LYS A 44 -10.21 -29.29 3.64
N ASP A 45 -10.54 -28.35 4.53
CA ASP A 45 -11.91 -28.19 5.06
C ASP A 45 -12.81 -27.72 3.92
N GLY A 46 -13.19 -28.68 3.06
CA GLY A 46 -13.68 -28.40 1.72
C GLY A 46 -15.08 -27.83 1.59
N LYS A 47 -15.20 -26.50 1.77
CA LYS A 47 -16.42 -25.78 1.42
C LYS A 47 -16.54 -25.66 -0.11
N ASP A 48 -15.45 -25.20 -0.74
CA ASP A 48 -15.37 -25.03 -2.22
C ASP A 48 -14.28 -25.90 -2.83
N ASP A 49 -14.32 -26.06 -4.16
CA ASP A 49 -13.31 -26.81 -4.92
C ASP A 49 -12.45 -25.91 -5.81
N LYS A 50 -12.27 -24.64 -5.41
CA LYS A 50 -11.45 -23.68 -6.16
C LYS A 50 -9.95 -23.95 -5.95
N ASP A 51 -9.13 -23.60 -6.95
CA ASP A 51 -7.68 -23.55 -6.78
C ASP A 51 -7.26 -22.18 -6.22
N TYR A 52 -6.30 -22.19 -5.29
CA TYR A 52 -5.78 -20.96 -4.67
C TYR A 52 -4.26 -20.87 -4.86
N ALA A 53 -3.74 -19.65 -4.72
CA ALA A 53 -2.30 -19.39 -4.76
C ALA A 53 -1.80 -18.96 -3.37
N LEU A 54 -0.72 -19.59 -2.91
CA LEU A 54 -0.16 -19.32 -1.58
C LEU A 54 1.26 -18.79 -1.71
N LYS A 55 1.45 -17.54 -1.33
CA LYS A 55 2.75 -16.87 -1.41
C LYS A 55 3.40 -16.88 -0.03
N GLN A 56 4.52 -17.57 0.12
CA GLN A 56 5.36 -17.47 1.31
C GLN A 56 6.47 -16.47 1.02
N ILE A 57 6.54 -15.43 1.85
CA ILE A 57 7.38 -14.27 1.57
C ILE A 57 8.84 -14.56 1.96
N GLU A 58 9.76 -14.16 1.08
CA GLU A 58 11.21 -14.26 1.30
C GLU A 58 11.64 -13.58 2.59
N GLY A 59 12.57 -14.21 3.30
CA GLY A 59 13.06 -13.71 4.58
C GLY A 59 12.08 -14.01 5.69
N THR A 60 12.26 -13.32 6.82
CA THR A 60 11.38 -13.46 7.99
C THR A 60 11.05 -12.09 8.57
N GLY A 61 10.16 -12.09 9.56
CA GLY A 61 9.72 -10.85 10.22
C GLY A 61 8.68 -10.17 9.37
N ILE A 62 8.57 -8.87 9.56
CA ILE A 62 7.79 -8.01 8.66
C ILE A 62 8.79 -7.07 8.02
N SER A 63 9.16 -7.36 6.78
CA SER A 63 9.89 -6.40 5.95
C SER A 63 9.01 -5.23 5.62
N MET A 64 9.62 -4.09 5.37
CA MET A 64 8.93 -2.94 4.78
C MET A 64 8.22 -3.34 3.49
N SER A 65 8.87 -4.19 2.69
CA SER A 65 8.29 -4.74 1.45
C SER A 65 7.00 -5.52 1.73
N ALA A 66 7.10 -6.45 2.67
CA ALA A 66 5.95 -7.26 3.11
C ALA A 66 4.80 -6.41 3.68
N CYS A 67 5.20 -5.37 4.43
CA CYS A 67 4.28 -4.51 5.14
C CYS A 67 3.45 -3.68 4.16
N ARG A 68 4.13 -3.03 3.21
CA ARG A 68 3.45 -2.23 2.18
C ARG A 68 2.60 -3.09 1.24
N GLU A 69 3.09 -4.27 0.91
CA GLU A 69 2.29 -5.23 0.17
C GLU A 69 0.99 -5.55 0.92
N ILE A 70 1.11 -5.92 2.19
CA ILE A 70 -0.06 -6.23 3.03
C ILE A 70 -0.98 -5.01 3.16
N ALA A 71 -0.41 -3.86 3.52
CA ALA A 71 -1.18 -2.62 3.69
C ALA A 71 -2.02 -2.24 2.48
N LEU A 72 -1.45 -2.39 1.28
CA LEU A 72 -2.09 -1.92 0.05
C LEU A 72 -3.09 -2.91 -0.55
N LEU A 73 -2.66 -4.16 -0.71
CA LEU A 73 -3.57 -5.25 -1.13
C LEU A 73 -4.78 -5.39 -0.19
N ARG A 74 -4.59 -5.07 1.08
CA ARG A 74 -5.69 -5.03 2.02
C ARG A 74 -6.83 -4.07 1.65
N GLU A 75 -6.49 -2.98 0.96
CA GLU A 75 -7.47 -1.96 0.54
C GLU A 75 -7.91 -2.10 -0.91
N LEU A 76 -6.99 -2.49 -1.79
CA LEU A 76 -7.27 -2.50 -3.24
C LEU A 76 -8.24 -3.61 -3.60
N LYS A 77 -9.32 -3.24 -4.31
CA LYS A 77 -10.33 -4.18 -4.79
C LYS A 77 -10.77 -3.77 -6.19
N HIS A 78 -10.48 -4.62 -7.17
CA HIS A 78 -10.85 -4.39 -8.58
C HIS A 78 -10.71 -5.71 -9.36
N PRO A 79 -11.59 -5.98 -10.34
CA PRO A 79 -11.51 -7.26 -11.05
C PRO A 79 -10.21 -7.53 -11.80
N ASN A 80 -9.52 -6.47 -12.24
CA ASN A 80 -8.26 -6.61 -12.98
C ASN A 80 -6.97 -6.53 -12.15
N VAL A 81 -7.12 -6.48 -10.83
CA VAL A 81 -6.01 -6.49 -9.89
C VAL A 81 -6.19 -7.69 -8.98
N ILE A 82 -5.12 -8.46 -8.76
CA ILE A 82 -5.19 -9.67 -7.94
C ILE A 82 -5.68 -9.30 -6.53
N SER A 83 -6.55 -10.15 -5.97
CA SER A 83 -7.14 -9.91 -4.65
C SER A 83 -6.46 -10.75 -3.58
N LEU A 84 -6.04 -10.10 -2.50
CA LEU A 84 -5.65 -10.78 -1.29
C LEU A 84 -6.92 -11.30 -0.62
N GLN A 85 -6.95 -12.61 -0.35
CA GLN A 85 -8.08 -13.29 0.30
C GLN A 85 -7.86 -13.45 1.80
N LYS A 86 -6.63 -13.76 2.20
CA LYS A 86 -6.31 -13.93 3.62
C LYS A 86 -4.80 -13.84 3.87
N VAL A 87 -4.44 -13.63 5.14
CA VAL A 87 -3.05 -13.49 5.56
C VAL A 87 -2.77 -14.40 6.76
N PHE A 88 -1.90 -15.40 6.60
CA PHE A 88 -1.48 -16.27 7.70
C PHE A 88 -0.11 -15.86 8.22
N LEU A 89 -0.04 -15.58 9.52
CA LEU A 89 1.22 -15.29 10.19
C LEU A 89 1.63 -16.51 11.00
N SER A 90 2.83 -17.03 10.73
CA SER A 90 3.36 -18.20 11.41
C SER A 90 4.45 -17.74 12.39
N HIS A 91 4.09 -17.74 13.67
CA HIS A 91 4.93 -17.13 14.72
C HIS A 91 6.22 -17.91 14.94
N ALA A 92 6.13 -19.24 14.94
CA ALA A 92 7.28 -20.13 15.15
C ALA A 92 8.42 -19.82 14.16
N ASP A 93 8.18 -20.05 12.87
CA ASP A 93 9.20 -19.80 11.83
C ASP A 93 9.28 -18.33 11.37
N ARG A 94 8.35 -17.48 11.85
CA ARG A 94 8.34 -16.04 11.59
C ARG A 94 8.13 -15.70 10.10
N LYS A 95 7.39 -16.57 9.41
CA LYS A 95 7.12 -16.44 7.97
C LYS A 95 5.68 -15.95 7.75
N VAL A 96 5.49 -15.20 6.66
CA VAL A 96 4.20 -14.62 6.32
C VAL A 96 3.68 -15.25 5.03
N TRP A 97 2.44 -15.74 5.07
CA TRP A 97 1.79 -16.33 3.91
C TRP A 97 0.61 -15.47 3.45
N LEU A 98 0.49 -15.29 2.14
CA LEU A 98 -0.63 -14.56 1.53
C LEU A 98 -1.46 -15.49 0.66
N LEU A 99 -2.79 -15.35 0.73
CA LEU A 99 -3.69 -16.19 -0.04
C LEU A 99 -4.35 -15.38 -1.18
N PHE A 100 -4.27 -15.90 -2.40
CA PHE A 100 -4.91 -15.31 -3.58
C PHE A 100 -5.70 -16.38 -4.33
N ASP A 101 -6.64 -15.95 -5.18
CA ASP A 101 -7.29 -16.88 -6.14
C ASP A 101 -6.23 -17.23 -7.21
N TYR A 102 -6.30 -18.46 -7.73
CA TYR A 102 -5.26 -18.99 -8.63
C TYR A 102 -5.51 -18.58 -10.08
N ALA A 103 -4.48 -18.04 -10.73
CA ALA A 103 -4.53 -17.71 -12.17
C ALA A 103 -3.61 -18.69 -12.89
N GLU A 104 -4.18 -19.52 -13.77
CA GLU A 104 -3.42 -20.56 -14.48
C GLU A 104 -2.39 -19.99 -15.49
N HIS A 105 -2.65 -18.81 -16.03
CA HIS A 105 -1.92 -18.27 -17.17
C HIS A 105 -1.33 -16.89 -16.93
N ASP A 106 -0.44 -16.48 -17.83
CA ASP A 106 0.09 -15.11 -17.87
C ASP A 106 0.61 -14.81 -19.26
N LEU A 107 0.92 -13.54 -19.52
CA LEU A 107 1.31 -13.13 -20.87
C LEU A 107 2.70 -13.64 -21.30
N TRP A 108 3.62 -13.83 -20.36
CA TRP A 108 4.94 -14.43 -20.67
C TRP A 108 4.75 -15.80 -21.29
N HIS A 109 4.08 -16.70 -20.55
CA HIS A 109 3.83 -18.05 -21.02
C HIS A 109 2.95 -18.07 -22.27
N ILE A 110 1.89 -17.24 -22.30
CA ILE A 110 0.98 -17.19 -23.44
C ILE A 110 1.69 -16.77 -24.73
N ILE A 111 2.42 -15.66 -24.68
CA ILE A 111 3.14 -15.15 -25.85
C ILE A 111 4.25 -16.12 -26.29
N LYS A 112 4.93 -16.78 -25.33
CA LYS A 112 5.89 -17.84 -25.64
C LYS A 112 5.27 -19.08 -26.29
N PHE A 113 3.96 -19.32 -26.08
CA PHE A 113 3.23 -20.40 -26.76
C PHE A 113 2.97 -20.08 -28.25
N HIS A 114 2.64 -18.82 -28.54
CA HIS A 114 2.46 -18.37 -29.93
C HIS A 114 3.78 -18.36 -30.69
N ARG A 115 4.82 -17.82 -30.05
CA ARG A 115 6.21 -17.89 -30.55
C ARG A 115 6.65 -19.29 -30.94
N ALA A 116 6.36 -20.25 -30.07
CA ALA A 116 6.74 -21.65 -30.30
C ALA A 116 5.98 -22.26 -31.47
N SER A 117 4.65 -22.13 -31.44
CA SER A 117 3.78 -22.71 -32.45
C SER A 117 3.99 -22.10 -33.83
N LYS A 118 3.84 -20.77 -33.91
CA LYS A 118 3.97 -20.02 -35.18
C LYS A 118 5.34 -20.18 -35.86
N ALA A 119 6.38 -20.47 -35.08
CA ALA A 119 7.72 -20.80 -35.61
C ALA A 119 7.78 -22.11 -36.38
N ASN A 120 6.87 -23.04 -36.13
CA ASN A 120 6.85 -24.34 -36.84
C ASN A 120 6.39 -24.22 -38.28
N LEU A 126 -4.88 -15.52 -30.91
CA LEU A 126 -5.52 -16.06 -32.12
C LEU A 126 -7.00 -15.69 -32.29
N PRO A 127 -7.84 -15.83 -31.24
CA PRO A 127 -9.19 -15.23 -31.30
C PRO A 127 -9.16 -13.72 -31.54
N ARG A 128 -10.06 -13.23 -32.41
CA ARG A 128 -10.12 -11.79 -32.72
C ARG A 128 -10.54 -11.06 -31.45
N GLY A 129 -9.93 -9.90 -31.20
CA GLY A 129 -10.23 -9.11 -30.01
C GLY A 129 -9.59 -9.60 -28.71
N MET A 130 -8.78 -10.65 -28.77
CA MET A 130 -8.06 -11.13 -27.60
C MET A 130 -6.94 -10.16 -27.20
N VAL A 131 -6.22 -9.65 -28.19
CA VAL A 131 -5.19 -8.63 -27.96
C VAL A 131 -5.84 -7.36 -27.42
N LYS A 132 -6.89 -6.88 -28.10
CA LYS A 132 -7.66 -5.71 -27.65
C LYS A 132 -8.21 -5.85 -26.24
N SER A 133 -8.79 -7.02 -25.94
CA SER A 133 -9.38 -7.27 -24.62
C SER A 133 -8.33 -7.24 -23.52
N LEU A 134 -7.23 -7.97 -23.73
CA LEU A 134 -6.06 -7.93 -22.85
C LEU A 134 -5.61 -6.49 -22.58
N LEU A 135 -5.33 -5.74 -23.65
CA LEU A 135 -4.93 -4.34 -23.48
C LEU A 135 -5.95 -3.53 -22.65
N TYR A 136 -7.24 -3.66 -22.95
CA TYR A 136 -8.26 -2.87 -22.23
C TYR A 136 -8.27 -3.19 -20.74
N GLN A 137 -8.26 -4.47 -20.41
CA GLN A 137 -8.29 -4.92 -19.03
C GLN A 137 -7.04 -4.55 -18.24
N ILE A 138 -5.88 -4.53 -18.92
CA ILE A 138 -4.62 -4.04 -18.35
C ILE A 138 -4.73 -2.55 -18.02
N LEU A 139 -5.22 -1.79 -19.00
CA LEU A 139 -5.45 -0.35 -18.82
C LEU A 139 -6.48 -0.03 -17.74
N ASP A 140 -7.47 -0.89 -17.59
CA ASP A 140 -8.49 -0.75 -16.55
C ASP A 140 -7.87 -0.99 -15.16
N GLY A 141 -7.01 -2.02 -15.07
CA GLY A 141 -6.31 -2.35 -13.83
C GLY A 141 -5.31 -1.30 -13.35
N ILE A 142 -4.45 -0.84 -14.26
CA ILE A 142 -3.49 0.22 -13.92
C ILE A 142 -4.17 1.56 -13.60
N HIS A 143 -5.30 1.82 -14.28
CA HIS A 143 -6.10 3.02 -14.00
C HIS A 143 -6.62 3.01 -12.57
N TYR A 144 -7.11 1.86 -12.13
CA TYR A 144 -7.59 1.71 -10.77
C TYR A 144 -6.50 2.07 -9.76
N LEU A 145 -5.30 1.52 -9.97
CA LEU A 145 -4.16 1.76 -9.08
C LEU A 145 -3.70 3.22 -9.10
N HIS A 146 -3.43 3.73 -10.29
CA HIS A 146 -3.02 5.14 -10.49
C HIS A 146 -4.00 6.16 -9.87
N ALA A 147 -5.29 5.88 -10.00
CA ALA A 147 -6.34 6.71 -9.38
C ALA A 147 -6.27 6.72 -7.85
N ASN A 148 -5.73 5.64 -7.29
CA ASN A 148 -5.46 5.53 -5.86
C ASN A 148 -4.02 5.90 -5.49
N TRP A 149 -3.34 6.62 -6.39
CA TRP A 149 -1.93 6.99 -6.24
C TRP A 149 -1.01 5.79 -5.94
N VAL A 150 -1.34 4.66 -6.54
CA VAL A 150 -0.53 3.44 -6.42
C VAL A 150 0.10 3.23 -7.79
N LEU A 151 1.44 3.24 -7.83
CA LEU A 151 2.17 2.85 -9.04
C LEU A 151 2.48 1.37 -8.97
N HIS A 152 2.64 0.76 -10.15
CA HIS A 152 3.10 -0.62 -10.22
C HIS A 152 4.62 -0.74 -10.05
N ARG A 153 5.36 -0.01 -10.87
CA ARG A 153 6.84 0.10 -10.83
C ARG A 153 7.66 -1.07 -11.41
N ASP A 154 7.01 -2.09 -11.97
CA ASP A 154 7.67 -3.32 -12.45
C ASP A 154 6.76 -4.13 -13.36
N LEU A 155 6.15 -3.45 -14.32
CA LEU A 155 5.11 -4.04 -15.18
C LEU A 155 5.76 -4.79 -16.35
N LYS A 156 5.47 -6.09 -16.47
CA LYS A 156 5.97 -6.92 -17.58
C LYS A 156 4.99 -8.09 -17.84
N PRO A 157 5.13 -8.80 -18.98
CA PRO A 157 4.18 -9.90 -19.28
C PRO A 157 4.02 -10.97 -18.17
N ALA A 158 5.12 -11.27 -17.49
CA ALA A 158 5.11 -12.30 -16.43
C ALA A 158 4.15 -11.97 -15.30
N ASN A 159 4.05 -10.71 -14.91
CA ASN A 159 3.13 -10.33 -13.82
C ASN A 159 1.73 -9.85 -14.27
N ILE A 160 1.44 -9.97 -15.57
CA ILE A 160 0.09 -9.82 -16.08
C ILE A 160 -0.53 -11.22 -16.22
N LEU A 161 -1.26 -11.63 -15.18
CA LEU A 161 -1.79 -12.98 -15.08
C LEU A 161 -3.14 -13.01 -15.79
N VAL A 162 -3.58 -14.22 -16.15
CA VAL A 162 -4.90 -14.43 -16.77
C VAL A 162 -5.56 -15.69 -16.20
N MET A 163 -6.83 -15.58 -15.82
CA MET A 163 -7.56 -16.69 -15.21
C MET A 163 -7.88 -17.80 -16.20
N GLY A 164 -7.64 -19.04 -15.78
CA GLY A 164 -7.97 -20.23 -16.58
C GLY A 164 -9.45 -20.59 -16.45
N GLU A 165 -9.75 -21.87 -16.61
CA GLU A 165 -11.12 -22.35 -16.49
C GLU A 165 -11.65 -22.12 -15.07
N GLY A 166 -12.93 -21.78 -14.99
CA GLY A 166 -13.55 -21.34 -13.74
C GLY A 166 -14.53 -20.21 -14.03
N PRO A 167 -15.07 -19.60 -12.97
CA PRO A 167 -16.10 -18.56 -13.14
C PRO A 167 -15.56 -17.26 -13.70
N GLU A 168 -14.31 -16.90 -13.38
CA GLU A 168 -13.63 -15.69 -13.93
C GLU A 168 -12.79 -15.99 -15.20
N ARG A 169 -13.26 -16.94 -16.01
CA ARG A 169 -12.56 -17.37 -17.23
C ARG A 169 -12.13 -16.18 -18.11
N GLY A 170 -10.86 -16.18 -18.52
CA GLY A 170 -10.34 -15.18 -19.41
C GLY A 170 -10.22 -13.76 -18.89
N ARG A 171 -10.18 -13.57 -17.58
CA ARG A 171 -10.03 -12.24 -16.97
C ARG A 171 -8.58 -11.95 -16.61
N VAL A 172 -8.13 -10.74 -16.89
CA VAL A 172 -6.77 -10.31 -16.56
C VAL A 172 -6.70 -9.99 -15.07
N LYS A 173 -5.60 -10.43 -14.44
CA LYS A 173 -5.31 -10.12 -13.05
C LYS A 173 -3.89 -9.58 -12.96
N ILE A 174 -3.76 -8.27 -12.72
CA ILE A 174 -2.42 -7.65 -12.51
C ILE A 174 -1.87 -8.07 -11.15
N ALA A 175 -0.57 -8.35 -11.10
CA ALA A 175 0.07 -8.90 -9.90
C ALA A 175 1.51 -8.42 -9.70
N ASP A 176 2.07 -8.82 -8.56
CA ASP A 176 3.47 -8.52 -8.19
C ASP A 176 3.82 -7.03 -8.30
N MET A 177 2.86 -6.17 -7.95
CA MET A 177 3.06 -4.72 -7.92
C MET A 177 4.30 -4.47 -7.09
N GLY A 178 5.25 -3.70 -7.64
CA GLY A 178 6.52 -3.46 -6.99
C GLY A 178 6.40 -2.60 -5.74
N PHE A 179 5.73 -3.12 -4.71
CA PHE A 179 5.55 -2.40 -3.45
C PHE A 179 6.93 -2.30 -2.82
N ALA A 180 7.18 -1.17 -2.15
CA ALA A 180 8.47 -0.86 -1.51
C ALA A 180 9.64 -0.71 -2.49
N ARG A 181 9.84 0.53 -2.93
CA ARG A 181 11.10 1.00 -3.49
C ARG A 181 11.43 2.20 -2.61
N LEU A 182 12.54 2.15 -1.85
CA LEU A 182 12.86 3.19 -0.88
C LEU A 182 12.95 4.56 -1.56
N PHE A 183 12.32 5.57 -0.94
CA PHE A 183 12.17 6.93 -1.49
C PHE A 183 11.52 7.02 -2.87
N ASN A 184 10.71 6.02 -3.24
CA ASN A 184 10.12 5.89 -4.59
C ASN A 184 11.20 5.99 -5.70
N SER A 185 12.35 5.37 -5.46
CA SER A 185 13.56 5.53 -6.28
C SER A 185 13.89 4.29 -7.14
N PRO A 186 14.06 4.45 -8.46
CA PRO A 186 14.66 3.38 -9.30
C PRO A 186 16.12 3.03 -8.97
N LEU A 187 16.85 3.97 -8.35
CA LEU A 187 18.29 3.88 -8.15
C LEU A 187 18.73 3.20 -6.83
N LYS A 188 17.83 2.45 -6.17
CA LYS A 188 18.11 1.89 -4.85
C LYS A 188 17.54 0.48 -4.70
N THR A 199 16.18 -7.98 -16.96
CA THR A 199 15.55 -7.41 -18.16
C THR A 199 15.30 -5.88 -18.11
N PHE A 200 15.97 -5.13 -18.99
CA PHE A 200 15.70 -3.69 -19.16
C PHE A 200 14.66 -3.39 -20.25
N TRP A 201 14.04 -4.43 -20.81
CA TRP A 201 13.22 -4.30 -22.01
C TRP A 201 11.97 -3.42 -21.88
N TYR A 202 11.42 -3.33 -20.67
CA TYR A 202 10.15 -2.61 -20.42
C TYR A 202 10.32 -1.22 -19.77
N ARG A 203 11.58 -0.78 -19.61
CA ARG A 203 11.89 0.46 -18.89
C ARG A 203 11.91 1.70 -19.79
N ALA A 204 11.18 2.73 -19.36
CA ALA A 204 11.03 3.98 -20.11
C ALA A 204 12.36 4.72 -20.28
N PRO A 205 12.54 5.44 -21.42
CA PRO A 205 13.82 6.12 -21.66
C PRO A 205 14.25 7.04 -20.53
N GLU A 206 13.31 7.70 -19.84
CA GLU A 206 13.67 8.50 -18.68
C GLU A 206 14.39 7.71 -17.57
N LEU A 207 13.95 6.48 -17.31
CA LEU A 207 14.64 5.63 -16.31
C LEU A 207 16.10 5.37 -16.68
N LEU A 208 16.31 5.01 -17.94
CA LEU A 208 17.65 4.76 -18.48
C LEU A 208 18.49 6.04 -18.52
N LEU A 209 17.86 7.20 -18.64
CA LEU A 209 18.59 8.48 -18.64
C LEU A 209 18.74 9.11 -17.24
N GLY A 210 18.31 8.40 -16.20
CA GLY A 210 18.70 8.69 -14.82
C GLY A 210 17.64 9.27 -13.90
N ALA A 211 16.38 9.16 -14.29
CA ALA A 211 15.26 9.66 -13.49
C ALA A 211 15.29 9.14 -12.04
N ARG A 212 15.22 10.08 -11.10
CA ARG A 212 15.33 9.78 -9.67
C ARG A 212 14.05 9.17 -9.07
N HIS A 213 12.90 9.25 -9.76
CA HIS A 213 11.61 8.75 -9.25
C HIS A 213 10.73 8.02 -10.27
N TYR A 214 9.95 7.06 -9.79
CA TYR A 214 8.97 6.36 -10.64
C TYR A 214 7.73 7.24 -10.82
N THR A 215 6.95 7.00 -11.87
CA THR A 215 5.76 7.83 -12.21
C THR A 215 4.65 7.01 -12.86
N LYS A 216 3.48 7.62 -13.00
CA LYS A 216 2.39 7.02 -13.81
C LYS A 216 2.88 6.77 -15.23
N ALA A 217 3.50 7.79 -15.85
CA ALA A 217 4.03 7.66 -17.23
C ALA A 217 4.97 6.48 -17.45
N ILE A 218 5.79 6.15 -16.46
CA ILE A 218 6.70 4.99 -16.54
C ILE A 218 5.92 3.68 -16.62
N ASP A 219 4.80 3.59 -15.88
CA ASP A 219 3.92 2.42 -15.99
C ASP A 219 3.33 2.29 -17.41
N ILE A 220 2.95 3.43 -18.01
CA ILE A 220 2.27 3.45 -19.32
C ILE A 220 3.22 3.03 -20.46
N TRP A 221 4.50 3.37 -20.36
CA TRP A 221 5.50 2.92 -21.34
C TRP A 221 5.52 1.39 -21.37
N ALA A 222 5.59 0.78 -20.19
CA ALA A 222 5.62 -0.68 -20.05
C ALA A 222 4.41 -1.35 -20.69
N ILE A 223 3.25 -0.73 -20.58
CA ILE A 223 2.04 -1.21 -21.25
C ILE A 223 2.18 -1.08 -22.77
N GLY A 224 2.80 0.01 -23.23
CA GLY A 224 3.13 0.16 -24.65
C GLY A 224 3.98 -0.99 -25.18
N CYS A 225 5.01 -1.34 -24.42
CA CYS A 225 5.89 -2.45 -24.76
C CYS A 225 5.15 -3.79 -24.78
N ILE A 226 4.25 -3.99 -23.83
CA ILE A 226 3.46 -5.22 -23.77
C ILE A 226 2.48 -5.28 -24.94
N PHE A 227 1.93 -4.14 -25.33
CA PHE A 227 1.02 -4.06 -26.49
C PHE A 227 1.73 -4.39 -27.81
N ALA A 228 2.92 -3.82 -28.01
CA ALA A 228 3.73 -4.18 -29.20
C ALA A 228 4.02 -5.67 -29.22
N GLU A 229 4.27 -6.26 -28.04
CA GLU A 229 4.65 -7.66 -27.90
C GLU A 229 3.47 -8.62 -28.18
N LEU A 230 2.28 -8.27 -27.72
CA LEU A 230 1.08 -9.04 -28.08
C LEU A 230 0.80 -9.05 -29.58
N LEU A 231 1.08 -7.93 -30.26
CA LEU A 231 0.88 -7.82 -31.71
C LEU A 231 1.92 -8.59 -32.52
N THR A 232 3.19 -8.50 -32.14
CA THR A 232 4.30 -9.10 -32.89
C THR A 232 4.78 -10.46 -32.38
N SER A 233 4.40 -10.84 -31.15
CA SER A 233 4.97 -11.98 -30.42
C SER A 233 6.48 -11.82 -30.13
N GLU A 234 6.97 -10.59 -30.17
CA GLU A 234 8.38 -10.27 -30.11
C GLU A 234 8.49 -9.12 -29.11
N PRO A 235 9.47 -9.16 -28.19
CA PRO A 235 9.66 -7.99 -27.32
C PRO A 235 10.23 -6.80 -28.11
N ILE A 236 9.43 -5.74 -28.25
CA ILE A 236 9.78 -4.59 -29.11
C ILE A 236 11.18 -4.00 -28.88
N PHE A 237 11.66 -4.00 -27.63
CA PHE A 237 12.97 -3.43 -27.33
C PHE A 237 13.92 -4.52 -26.84
N HIS A 238 13.89 -5.67 -27.53
CA HIS A 238 14.71 -6.83 -27.17
C HIS A 238 16.20 -6.49 -27.31
N CYS A 239 16.99 -7.02 -26.37
CA CYS A 239 18.35 -6.54 -26.15
C CYS A 239 19.14 -7.52 -25.28
N ARG A 240 20.30 -7.99 -25.74
CA ARG A 240 21.16 -8.94 -24.98
C ARG A 240 21.29 -8.63 -23.48
N GLN A 241 21.37 -9.69 -22.66
CA GLN A 241 21.66 -9.59 -21.21
C GLN A 241 20.50 -9.00 -20.42
N SER A 247 23.70 -1.68 -10.77
CA SER A 247 24.66 -0.61 -11.05
C SER A 247 23.95 0.74 -11.22
N ASN A 248 24.58 1.69 -11.93
CA ASN A 248 23.93 2.94 -12.33
C ASN A 248 22.82 2.69 -13.39
N PRO A 249 21.92 3.66 -13.61
CA PRO A 249 20.74 3.42 -14.45
C PRO A 249 20.97 3.48 -15.97
N TYR A 250 22.06 4.13 -16.40
CA TYR A 250 22.41 4.26 -17.81
C TYR A 250 22.81 2.92 -18.42
N HIS A 251 22.10 2.52 -19.48
CA HIS A 251 22.41 1.31 -20.23
C HIS A 251 22.41 1.59 -21.75
N HIS A 252 23.62 1.61 -22.33
CA HIS A 252 23.87 1.99 -23.73
C HIS A 252 23.07 1.16 -24.75
N ASP A 253 23.26 -0.15 -24.69
CA ASP A 253 22.62 -1.07 -25.65
C ASP A 253 21.09 -0.99 -25.65
N GLN A 254 20.47 -0.80 -24.48
CA GLN A 254 19.02 -0.70 -24.38
C GLN A 254 18.49 0.57 -25.03
N LEU A 255 19.24 1.67 -24.89
CA LEU A 255 18.91 2.92 -25.58
C LEU A 255 19.08 2.81 -27.10
N ASP A 256 20.20 2.21 -27.53
CA ASP A 256 20.44 1.93 -28.94
C ASP A 256 19.26 1.17 -29.56
N ARG A 257 18.78 0.15 -28.85
CA ARG A 257 17.64 -0.65 -29.34
C ARG A 257 16.34 0.16 -29.45
N ILE A 258 16.08 1.02 -28.47
CA ILE A 258 14.92 1.93 -28.52
C ILE A 258 15.03 2.83 -29.75
N PHE A 259 16.19 3.47 -29.91
CA PHE A 259 16.44 4.34 -31.07
C PHE A 259 16.37 3.63 -32.42
N ASN A 260 16.72 2.34 -32.45
CA ASN A 260 16.54 1.54 -33.67
C ASN A 260 15.07 1.35 -34.05
N VAL A 261 14.20 1.24 -33.05
CA VAL A 261 12.76 1.21 -33.30
C VAL A 261 12.22 2.63 -33.54
N MET A 262 12.36 3.51 -32.55
CA MET A 262 11.62 4.78 -32.51
C MET A 262 12.26 5.89 -33.33
N GLY A 263 13.56 5.80 -33.56
CA GLY A 263 14.37 6.93 -34.05
C GLY A 263 14.92 7.72 -32.87
N PHE A 264 15.86 8.61 -33.15
CA PHE A 264 16.46 9.46 -32.13
C PHE A 264 15.56 10.69 -31.93
N PRO A 265 15.27 11.07 -30.66
CA PRO A 265 14.31 12.16 -30.42
C PRO A 265 14.87 13.55 -30.74
N ALA A 266 14.08 14.36 -31.43
CA ALA A 266 14.41 15.77 -31.71
C ALA A 266 14.22 16.61 -30.45
N ASP A 267 14.64 17.86 -30.52
CA ASP A 267 14.41 18.81 -29.42
C ASP A 267 12.91 19.02 -29.25
N LYS A 268 12.21 19.26 -30.36
CA LYS A 268 10.75 19.41 -30.37
C LYS A 268 10.00 18.19 -29.78
N ASP A 269 10.57 17.00 -29.98
CA ASP A 269 9.98 15.77 -29.45
C ASP A 269 10.02 15.65 -27.93
N TRP A 270 11.13 16.07 -27.33
CA TRP A 270 11.37 15.90 -25.88
C TRP A 270 12.18 17.08 -25.32
N GLU A 271 11.50 18.21 -25.11
CA GLU A 271 12.13 19.48 -24.67
C GLU A 271 12.95 19.32 -23.38
N ASP A 272 12.37 18.68 -22.37
CA ASP A 272 13.04 18.48 -21.07
C ASP A 272 14.14 17.41 -21.01
N ILE A 273 14.44 16.71 -22.12
CA ILE A 273 15.55 15.72 -22.12
C ILE A 273 16.86 16.29 -21.58
N LYS A 274 17.11 17.57 -21.87
CA LYS A 274 18.26 18.32 -21.32
C LYS A 274 18.34 18.22 -19.80
N LYS A 275 17.18 18.22 -19.14
CA LYS A 275 17.11 18.14 -17.67
C LYS A 275 17.41 16.76 -17.06
N MET A 276 17.54 15.72 -17.88
CA MET A 276 17.89 14.37 -17.40
C MET A 276 19.36 14.32 -16.97
N PRO A 277 19.69 13.55 -15.91
CA PRO A 277 21.10 13.46 -15.52
C PRO A 277 22.06 12.87 -16.56
N GLU A 278 21.62 11.88 -17.34
CA GLU A 278 22.51 11.21 -18.31
C GLU A 278 22.39 11.76 -19.75
N HIS A 279 21.98 13.03 -19.88
CA HIS A 279 21.87 13.66 -21.19
C HIS A 279 23.25 13.91 -21.80
N SER A 280 24.20 14.41 -21.00
CA SER A 280 25.60 14.56 -21.46
C SER A 280 26.21 13.25 -21.91
N THR A 281 25.89 12.18 -21.19
CA THR A 281 26.36 10.84 -21.52
C THR A 281 25.78 10.38 -22.86
N LEU A 282 24.48 10.63 -23.08
CA LEU A 282 23.80 10.30 -24.33
C LEU A 282 24.41 11.01 -25.53
N MET A 283 24.63 12.33 -25.39
CA MET A 283 25.23 13.14 -26.45
C MET A 283 26.63 12.63 -26.79
N LYS A 284 27.40 12.32 -25.75
CA LYS A 284 28.74 11.75 -25.89
C LYS A 284 28.75 10.44 -26.70
N ASP A 285 27.72 9.61 -26.51
CA ASP A 285 27.68 8.26 -27.09
C ASP A 285 26.85 8.09 -28.38
N PHE A 286 25.89 8.98 -28.66
CA PHE A 286 24.92 8.78 -29.75
C PHE A 286 24.83 9.96 -30.71
N ARG A 287 24.62 9.65 -31.99
CA ARG A 287 24.44 10.66 -33.05
C ARG A 287 23.14 10.42 -33.80
N ARG A 288 22.45 11.52 -34.13
CA ARG A 288 21.16 11.49 -34.84
C ARG A 288 21.24 10.79 -36.19
N ASN A 289 22.27 11.11 -36.97
CA ASN A 289 22.59 10.47 -38.26
C ASN A 289 22.41 8.95 -38.27
N THR A 290 22.85 8.28 -37.21
CA THR A 290 22.75 6.82 -37.07
C THR A 290 21.33 6.25 -37.27
N TYR A 291 20.32 6.96 -36.76
CA TYR A 291 18.94 6.45 -36.74
C TYR A 291 17.99 7.19 -37.68
N THR A 292 18.53 7.89 -38.68
CA THR A 292 17.71 8.73 -39.59
C THR A 292 16.66 7.93 -40.38
N ASN A 293 16.98 6.67 -40.69
CA ASN A 293 16.04 5.79 -41.39
C ASN A 293 14.94 5.15 -40.51
N CYS A 294 15.08 5.26 -39.18
CA CYS A 294 14.25 4.50 -38.23
C CYS A 294 12.97 5.20 -37.82
N SER A 295 11.91 4.41 -37.58
CA SER A 295 10.64 4.89 -37.04
C SER A 295 9.75 3.72 -36.60
N LEU A 296 8.84 3.97 -35.68
CA LEU A 296 7.90 2.96 -35.21
C LEU A 296 7.00 2.43 -36.34
N ILE A 297 6.61 3.31 -37.27
CA ILE A 297 5.84 2.95 -38.46
C ILE A 297 6.54 1.83 -39.20
N LYS A 298 7.80 2.07 -39.57
CA LYS A 298 8.57 1.07 -40.32
C LYS A 298 8.80 -0.21 -39.51
N TYR A 299 9.00 -0.09 -38.20
CA TYR A 299 9.19 -1.27 -37.37
C TYR A 299 7.95 -2.17 -37.39
N MET A 300 6.80 -1.59 -37.05
CA MET A 300 5.51 -2.28 -37.12
C MET A 300 5.12 -2.78 -38.52
N GLU A 301 5.46 -2.02 -39.57
CA GLU A 301 5.29 -2.50 -40.95
C GLU A 301 6.09 -3.77 -41.23
N LYS A 302 7.32 -3.83 -40.72
CA LYS A 302 8.16 -5.03 -40.84
C LYS A 302 7.57 -6.22 -40.08
N HIS A 303 6.83 -5.95 -39.01
CA HIS A 303 6.11 -7.00 -38.27
C HIS A 303 4.61 -7.08 -38.60
N LYS A 304 4.26 -6.75 -39.85
CA LYS A 304 2.94 -7.04 -40.45
C LYS A 304 1.74 -6.37 -39.75
N VAL A 305 1.99 -5.19 -39.17
CA VAL A 305 0.96 -4.37 -38.51
C VAL A 305 0.76 -3.09 -39.33
N LYS A 306 -0.48 -2.77 -39.65
CA LYS A 306 -0.81 -1.61 -40.49
C LYS A 306 -0.69 -0.28 -39.71
N PRO A 307 0.15 0.68 -40.22
CA PRO A 307 0.33 1.98 -39.56
C PRO A 307 -0.84 2.96 -39.62
N ASP A 308 -1.81 2.72 -40.49
CA ASP A 308 -3.03 3.53 -40.56
C ASP A 308 -4.22 2.89 -39.80
N SER A 309 -3.95 1.86 -39.00
CA SER A 309 -4.95 1.27 -38.12
C SER A 309 -4.98 1.99 -36.77
N LYS A 310 -6.15 2.01 -36.14
CA LYS A 310 -6.34 2.57 -34.80
C LYS A 310 -5.49 1.85 -33.74
N ALA A 311 -5.23 0.56 -33.95
CA ALA A 311 -4.29 -0.19 -33.12
C ALA A 311 -2.93 0.48 -33.04
N PHE A 312 -2.40 0.87 -34.20
CA PHE A 312 -1.09 1.50 -34.27
C PHE A 312 -1.06 2.89 -33.65
N HIS A 313 -2.08 3.70 -33.92
CA HIS A 313 -2.10 5.08 -33.44
C HIS A 313 -2.13 5.16 -31.90
N LEU A 314 -2.84 4.23 -31.27
CA LEU A 314 -2.82 4.10 -29.81
C LEU A 314 -1.45 3.66 -29.27
N LEU A 315 -0.85 2.64 -29.91
CA LEU A 315 0.52 2.18 -29.54
C LEU A 315 1.53 3.32 -29.59
N GLN A 316 1.39 4.15 -30.62
CA GLN A 316 2.26 5.31 -30.85
C GLN A 316 2.17 6.35 -29.74
N LYS A 317 0.98 6.48 -29.17
CA LYS A 317 0.72 7.38 -28.03
C LYS A 317 1.23 6.81 -26.70
N LEU A 318 1.12 5.49 -26.51
CA LEU A 318 1.70 4.80 -25.35
C LEU A 318 3.23 4.81 -25.34
N LEU A 319 3.84 4.58 -26.50
CA LEU A 319 5.31 4.60 -26.62
C LEU A 319 5.82 5.97 -27.10
N THR A 320 5.31 7.04 -26.51
CA THR A 320 5.85 8.39 -26.74
C THR A 320 7.11 8.56 -25.91
N MET A 321 8.12 9.23 -26.47
CA MET A 321 9.44 9.32 -25.84
C MET A 321 9.44 10.21 -24.59
N ASP A 322 8.91 11.41 -24.75
CA ASP A 322 8.83 12.40 -23.67
C ASP A 322 7.70 12.00 -22.69
N PRO A 323 8.04 11.72 -21.41
CA PRO A 323 7.02 11.29 -20.44
C PRO A 323 5.80 12.20 -20.27
N ILE A 324 5.99 13.53 -20.28
CA ILE A 324 4.82 14.44 -20.20
C ILE A 324 3.92 14.44 -21.45
N LYS A 325 4.39 13.88 -22.57
CA LYS A 325 3.57 13.72 -23.79
C LYS A 325 2.98 12.31 -23.98
N ARG A 326 3.09 11.46 -22.96
CA ARG A 326 2.56 10.09 -23.00
C ARG A 326 1.13 10.14 -22.48
N ILE A 327 0.17 9.50 -23.15
CA ILE A 327 -1.22 9.57 -22.66
C ILE A 327 -1.43 8.75 -21.38
N THR A 328 -2.41 9.17 -20.59
CA THR A 328 -2.78 8.47 -19.36
C THR A 328 -3.53 7.19 -19.70
N SER A 329 -3.64 6.29 -18.72
CA SER A 329 -4.49 5.10 -18.85
C SER A 329 -5.96 5.47 -19.12
N GLU A 330 -6.42 6.54 -18.48
CA GLU A 330 -7.79 7.04 -18.64
C GLU A 330 -8.10 7.27 -20.11
N GLN A 331 -7.23 8.03 -20.77
CA GLN A 331 -7.41 8.42 -22.18
C GLN A 331 -7.16 7.29 -23.17
N ALA A 332 -6.28 6.35 -22.80
CA ALA A 332 -6.06 5.15 -23.62
C ALA A 332 -7.35 4.33 -23.67
N MET A 333 -7.99 4.11 -22.52
CA MET A 333 -9.29 3.42 -22.43
C MET A 333 -10.37 4.08 -23.28
N GLN A 334 -10.30 5.41 -23.39
CA GLN A 334 -11.18 6.20 -24.26
C GLN A 334 -10.81 6.16 -25.75
N ASP A 335 -9.73 5.48 -26.13
CA ASP A 335 -9.36 5.47 -27.55
C ASP A 335 -10.45 4.80 -28.40
N PRO A 336 -10.77 5.37 -29.60
CA PRO A 336 -11.80 4.75 -30.46
C PRO A 336 -11.46 3.36 -31.03
N TYR A 337 -10.19 2.94 -30.93
CA TYR A 337 -9.78 1.54 -31.04
C TYR A 337 -10.72 0.58 -30.32
N PHE A 338 -11.12 0.92 -29.09
CA PHE A 338 -11.99 0.07 -28.29
C PHE A 338 -13.47 0.17 -28.69
N LEU A 339 -13.79 1.05 -29.64
CA LEU A 339 -15.13 1.15 -30.26
C LEU A 339 -15.21 0.45 -31.64
N GLU A 340 -14.06 0.13 -32.21
CA GLU A 340 -13.95 -0.56 -33.49
C GLU A 340 -14.24 -2.05 -33.30
N ASP A 341 -14.89 -2.68 -34.28
CA ASP A 341 -15.04 -4.12 -34.28
C ASP A 341 -13.65 -4.77 -34.44
N PRO A 342 -13.35 -5.83 -33.67
CA PRO A 342 -14.13 -6.46 -32.59
C PRO A 342 -13.98 -5.72 -31.29
N LEU A 343 -15.03 -5.74 -30.46
CA LEU A 343 -14.99 -5.08 -29.15
C LEU A 343 -14.14 -5.86 -28.17
N PRO A 344 -13.77 -5.22 -27.04
CA PRO A 344 -13.19 -6.00 -25.95
C PRO A 344 -14.26 -6.90 -25.32
N THR A 345 -13.86 -8.06 -24.80
CA THR A 345 -14.75 -8.95 -24.05
C THR A 345 -14.16 -9.14 -22.66
N SER A 346 -15.01 -9.44 -21.69
CA SER A 346 -14.57 -9.72 -20.31
C SER A 346 -13.73 -10.98 -20.25
N ASP A 347 -14.22 -12.02 -20.93
CA ASP A 347 -13.44 -13.21 -21.20
C ASP A 347 -12.57 -12.93 -22.43
N VAL A 348 -11.28 -12.80 -22.19
CA VAL A 348 -10.26 -12.59 -23.23
C VAL A 348 -10.34 -13.67 -24.34
N PHE A 349 -10.60 -14.91 -23.94
CA PHE A 349 -10.66 -16.04 -24.88
C PHE A 349 -11.95 -16.08 -25.70
N ALA A 350 -12.95 -15.30 -25.28
CA ALA A 350 -14.23 -15.12 -25.99
C ALA A 350 -15.05 -16.42 -26.09
N GLY A 351 -14.94 -17.26 -25.06
CA GLY A 351 -15.58 -18.58 -25.05
C GLY A 351 -14.86 -19.70 -25.79
N CYS A 352 -13.78 -19.39 -26.50
CA CYS A 352 -13.01 -20.39 -27.26
C CYS A 352 -12.11 -21.20 -26.35
N GLN A 353 -11.93 -22.48 -26.69
CA GLN A 353 -11.09 -23.41 -25.92
C GLN A 353 -9.71 -22.81 -25.64
N ILE A 354 -9.26 -22.90 -24.38
CA ILE A 354 -7.91 -22.46 -23.99
C ILE A 354 -6.91 -23.52 -24.47
N PRO A 355 -6.01 -23.17 -25.42
CA PRO A 355 -5.00 -24.14 -25.88
C PRO A 355 -3.72 -24.18 -25.02
N TYR A 356 -3.60 -23.29 -24.05
CA TYR A 356 -2.36 -23.11 -23.28
C TYR A 356 -2.28 -24.11 -22.12
N PRO A 357 -1.09 -24.67 -21.88
CA PRO A 357 -0.98 -25.72 -20.87
C PRO A 357 -1.09 -25.15 -19.46
N LYS A 358 -1.50 -25.99 -18.53
CA LYS A 358 -1.51 -25.66 -17.11
C LYS A 358 -0.08 -25.49 -16.63
N ARG A 359 0.07 -24.90 -15.44
CA ARG A 359 1.40 -24.59 -14.91
C ARG A 359 2.14 -25.84 -14.45
N GLU A 360 3.45 -25.68 -14.36
CA GLU A 360 4.39 -26.76 -14.11
C GLU A 360 4.81 -26.71 -12.63
N PHE A 361 4.92 -27.87 -11.99
CA PHE A 361 5.34 -27.95 -10.59
C PHE A 361 6.85 -28.01 -10.42
N LEU A 362 7.38 -27.13 -9.57
CA LEU A 362 8.83 -27.02 -9.29
C LEU A 362 9.21 -27.79 -8.03
N THR A 363 10.52 -27.88 -7.76
CA THR A 363 11.08 -28.59 -6.59
C THR A 363 11.55 -27.63 -5.48
N GLU A 364 11.74 -28.18 -4.29
CA GLU A 364 12.32 -27.46 -3.16
C GLU A 364 13.84 -27.30 -3.36
N GLU A 365 14.50 -28.37 -3.80
CA GLU A 365 15.95 -28.37 -4.05
C GLU A 365 16.27 -27.63 -5.35
N LYS B 1 -0.20 9.73 0.11
CA LYS B 1 -1.24 9.78 -0.99
C LYS B 1 -1.95 8.45 -1.26
N ALA B 2 -1.23 7.33 -1.13
CA ALA B 2 -1.79 5.98 -1.33
C ALA B 2 -3.22 5.81 -0.76
N MET B 3 -4.16 5.49 -1.66
CA MET B 3 -5.59 5.32 -1.33
C MET B 3 -6.33 6.60 -0.89
N ALA B 4 -5.79 7.78 -1.21
CA ALA B 4 -6.39 9.08 -0.77
C ALA B 4 -7.91 9.19 -0.92
N GLY B 5 -8.42 8.90 -2.10
CA GLY B 5 -9.85 9.07 -2.39
C GLY B 5 -10.78 7.91 -2.07
N ASN B 6 -10.31 6.92 -1.32
CA ASN B 6 -11.03 5.65 -1.14
C ASN B 6 -11.63 5.42 0.25
N PHE B 7 -11.75 6.46 1.07
CA PHE B 7 -12.21 6.28 2.46
C PHE B 7 -13.49 5.43 2.56
N TRP B 8 -14.47 5.71 1.70
CA TRP B 8 -15.79 5.10 1.81
C TRP B 8 -15.85 3.63 1.38
N GLN B 9 -14.76 3.11 0.82
CA GLN B 9 -14.61 1.68 0.56
C GLN B 9 -13.39 1.09 1.31
N SER B 10 -12.81 1.85 2.25
CA SER B 10 -11.60 1.45 2.94
C SER B 10 -11.86 0.60 4.18
N SER B 11 -10.81 -0.07 4.65
CA SER B 11 -10.90 -0.92 5.83
C SER B 11 -11.06 -0.11 7.14
N HIS B 12 -10.48 1.09 7.18
CA HIS B 12 -10.75 2.05 8.27
C HIS B 12 -12.26 2.22 8.42
N TYR B 13 -12.91 2.65 7.35
CA TYR B 13 -14.33 2.98 7.39
C TYR B 13 -15.23 1.77 7.68
N LEU B 14 -14.97 0.67 6.98
CA LEU B 14 -15.85 -0.50 7.02
C LEU B 14 -15.64 -1.41 8.22
N GLN B 15 -14.51 -1.34 8.90
CA GLN B 15 -14.24 -2.17 10.09
C GLN B 15 -13.85 -1.41 11.36
N TRP B 16 -13.32 -0.19 11.22
CA TRP B 16 -12.72 0.54 12.34
C TRP B 16 -13.39 1.89 12.66
N ILE B 17 -14.60 2.10 12.17
CA ILE B 17 -15.49 3.10 12.72
C ILE B 17 -16.49 2.31 13.55
N LEU B 18 -16.30 2.39 14.86
CA LEU B 18 -16.97 1.51 15.80
C LEU B 18 -18.20 2.17 16.42
N ASP B 19 -19.03 1.35 17.05
CA ASP B 19 -20.17 1.83 17.83
C ASP B 19 -19.68 2.19 19.23
N LYS B 20 -20.08 3.37 19.69
CA LYS B 20 -19.72 3.90 21.01
C LYS B 20 -20.13 2.96 22.14
N GLN B 21 -21.35 2.42 22.08
CA GLN B 21 -21.85 1.51 23.11
C GLN B 21 -21.09 0.17 23.11
N ASP B 22 -20.79 -0.36 21.92
CA ASP B 22 -19.92 -1.55 21.79
C ASP B 22 -18.55 -1.29 22.40
N LEU B 23 -17.99 -0.11 22.12
CA LEU B 23 -16.69 0.27 22.66
C LEU B 23 -16.75 0.29 24.18
N LEU B 24 -17.71 1.03 24.73
CA LEU B 24 -17.92 1.10 26.18
C LEU B 24 -18.21 -0.27 26.85
N LYS B 25 -18.87 -1.20 26.15
CA LYS B 25 -19.14 -2.53 26.72
C LYS B 25 -17.87 -3.39 26.90
N GLU B 26 -16.99 -3.38 25.90
CA GLU B 26 -15.69 -4.10 25.99
C GLU B 26 -14.71 -3.47 26.98
N ARG B 27 -14.85 -2.16 27.20
CA ARG B 27 -14.03 -1.43 28.17
C ARG B 27 -14.29 -1.82 29.62
N GLN B 28 -15.52 -2.26 29.93
CA GLN B 28 -15.92 -2.61 31.31
C GLN B 28 -15.02 -3.66 32.00
N LYS B 29 -14.36 -4.49 31.19
CA LYS B 29 -13.33 -5.41 31.67
C LYS B 29 -12.22 -4.68 32.46
N ASP B 30 -11.63 -3.66 31.84
CA ASP B 30 -10.57 -2.86 32.48
C ASP B 30 -11.08 -1.86 33.51
N LEU B 31 -12.40 -1.60 33.53
CA LEU B 31 -13.00 -0.73 34.56
C LEU B 31 -13.27 -1.41 35.92
N LYS B 32 -12.89 -2.69 36.05
CA LYS B 32 -12.89 -3.39 37.34
C LYS B 32 -11.71 -2.92 38.21
N PHE B 33 -10.63 -2.50 37.56
CA PHE B 33 -9.39 -2.03 38.21
C PHE B 33 -9.24 -0.50 38.14
N LEU B 34 -9.67 0.10 37.02
CA LEU B 34 -9.57 1.55 36.79
C LEU B 34 -10.95 2.20 36.72
N SER B 35 -11.04 3.47 37.13
CA SER B 35 -12.23 4.28 36.87
C SER B 35 -12.22 4.82 35.45
N GLU B 36 -13.37 5.32 35.01
CA GLU B 36 -13.50 5.95 33.67
C GLU B 36 -12.54 7.12 33.49
N GLU B 37 -12.36 7.91 34.55
CA GLU B 37 -11.41 9.01 34.55
C GLU B 37 -9.96 8.49 34.45
N GLU B 38 -9.64 7.45 35.22
CA GLU B 38 -8.29 6.87 35.25
C GLU B 38 -7.89 6.22 33.93
N TYR B 39 -8.85 5.57 33.28
CA TYR B 39 -8.62 4.92 31.99
C TYR B 39 -8.31 5.96 30.90
N TRP B 40 -9.02 7.08 30.93
CA TRP B 40 -8.81 8.17 29.98
C TRP B 40 -7.45 8.82 30.22
N LYS B 41 -7.15 9.11 31.49
CA LYS B 41 -5.80 9.52 31.94
C LYS B 41 -4.68 8.58 31.45
N LEU B 42 -4.94 7.27 31.46
CA LEU B 42 -4.06 6.29 30.83
C LEU B 42 -3.89 6.50 29.34
N GLN B 43 -4.99 6.74 28.63
CA GLN B 43 -4.95 6.93 27.19
C GLN B 43 -4.16 8.21 26.83
N ILE B 44 -4.43 9.29 27.56
CA ILE B 44 -3.75 10.56 27.34
C ILE B 44 -2.25 10.39 27.55
N PHE B 45 -1.87 9.69 28.62
CA PHE B 45 -0.46 9.43 28.92
C PHE B 45 0.26 8.73 27.76
N PHE B 46 -0.30 7.61 27.30
CA PHE B 46 0.33 6.79 26.24
C PHE B 46 0.29 7.43 24.85
N THR B 47 -0.65 8.33 24.61
CA THR B 47 -0.62 9.17 23.40
C THR B 47 0.58 10.11 23.44
N ASN B 48 0.86 10.66 24.62
CA ASN B 48 2.08 11.46 24.80
C ASN B 48 3.36 10.61 24.68
N VAL B 49 3.31 9.35 25.13
CA VAL B 49 4.47 8.44 24.98
C VAL B 49 4.80 8.22 23.49
N ILE B 50 3.77 7.92 22.70
CA ILE B 50 3.95 7.69 21.26
C ILE B 50 4.42 8.96 20.52
N GLN B 51 3.89 10.12 20.90
CA GLN B 51 4.34 11.40 20.31
C GLN B 51 5.83 11.61 20.61
N ALA B 52 6.20 11.38 21.86
CA ALA B 52 7.58 11.51 22.28
C ALA B 52 8.49 10.52 21.56
N LEU B 53 8.04 9.27 21.42
CA LEU B 53 8.79 8.28 20.62
C LEU B 53 8.98 8.73 19.17
N GLY B 54 7.91 9.21 18.55
CA GLY B 54 7.98 9.73 17.19
C GLY B 54 8.92 10.90 16.99
N GLU B 55 8.90 11.87 17.90
CA GLU B 55 9.77 13.05 17.81
C GLU B 55 11.25 12.68 17.94
N HIS B 56 11.57 11.80 18.88
CA HIS B 56 12.94 11.28 19.00
C HIS B 56 13.39 10.65 17.69
N LEU B 57 12.56 9.79 17.11
CA LEU B 57 12.89 9.13 15.84
C LEU B 57 12.79 10.00 14.58
N LYS B 58 12.30 11.24 14.73
CA LYS B 58 12.15 12.20 13.63
C LYS B 58 11.21 11.69 12.54
N LEU B 59 10.07 11.16 12.97
CA LEU B 59 8.98 10.76 12.06
C LEU B 59 8.03 11.94 11.89
N ARG B 60 7.45 12.06 10.70
CA ARG B 60 6.44 13.08 10.43
C ARG B 60 5.17 12.76 11.20
N GLN B 61 4.33 13.77 11.40
CA GLN B 61 3.15 13.66 12.25
C GLN B 61 2.17 12.57 11.84
N GLN B 62 2.02 12.36 10.54
CA GLN B 62 1.06 11.38 10.00
C GLN B 62 1.42 9.93 10.37
N VAL B 63 2.72 9.65 10.44
CA VAL B 63 3.23 8.33 10.83
C VAL B 63 2.97 8.09 12.31
N ILE B 64 3.18 9.14 13.11
CA ILE B 64 2.91 9.10 14.55
C ILE B 64 1.42 8.88 14.83
N ALA B 65 0.57 9.57 14.06
CA ALA B 65 -0.88 9.45 14.16
C ALA B 65 -1.35 8.02 13.86
N THR B 66 -0.77 7.40 12.84
CA THR B 66 -1.09 6.03 12.47
C THR B 66 -0.71 5.05 13.57
N ALA B 67 0.49 5.24 14.13
CA ALA B 67 0.93 4.49 15.31
C ALA B 67 0.01 4.71 16.53
N THR B 68 -0.46 5.94 16.69
CA THR B 68 -1.42 6.25 17.76
C THR B 68 -2.70 5.44 17.56
N VAL B 69 -3.20 5.42 16.33
CA VAL B 69 -4.46 4.73 16.03
C VAL B 69 -4.33 3.20 16.18
N TYR B 70 -3.18 2.64 15.75
CA TYR B 70 -2.88 1.21 15.96
C TYR B 70 -3.01 0.80 17.42
N PHE B 71 -2.55 1.68 18.29
CA PHE B 71 -2.59 1.46 19.72
C PHE B 71 -4.03 1.42 20.22
N LYS B 72 -4.80 2.47 19.87
CA LYS B 72 -6.20 2.60 20.29
C LYS B 72 -7.06 1.45 19.83
N ARG B 73 -6.93 1.12 18.55
CA ARG B 73 -7.65 0.00 17.97
C ARG B 73 -7.37 -1.29 18.72
N PHE B 74 -6.10 -1.55 19.04
CA PHE B 74 -5.73 -2.74 19.80
C PHE B 74 -6.41 -2.81 21.16
N TYR B 75 -6.27 -1.74 21.96
CA TYR B 75 -6.87 -1.70 23.30
C TYR B 75 -8.39 -1.46 23.34
N ALA B 76 -8.98 -1.07 22.20
CA ALA B 76 -10.44 -1.07 22.04
C ALA B 76 -11.02 -2.49 22.03
N ARG B 77 -10.19 -3.45 21.62
CA ARG B 77 -10.56 -4.87 21.55
C ARG B 77 -10.12 -5.66 22.78
N TYR B 78 -8.86 -5.53 23.17
CA TYR B 78 -8.24 -6.36 24.21
C TYR B 78 -7.86 -5.54 25.43
N SER B 79 -7.69 -6.26 26.54
CA SER B 79 -7.39 -5.66 27.84
C SER B 79 -5.99 -5.08 27.88
N LEU B 80 -5.77 -4.18 28.84
CA LEU B 80 -4.42 -3.71 29.19
C LEU B 80 -3.60 -4.86 29.81
N LYS B 81 -4.31 -5.84 30.38
CA LYS B 81 -3.74 -7.12 30.82
C LYS B 81 -3.02 -7.90 29.70
N SER B 82 -3.55 -7.85 28.48
CA SER B 82 -3.10 -8.70 27.36
C SER B 82 -1.60 -8.62 27.04
N ILE B 83 -1.15 -7.43 26.63
CA ILE B 83 0.26 -7.12 26.40
C ILE B 83 0.56 -5.81 27.12
N ASP B 84 1.73 -5.75 27.77
CA ASP B 84 2.18 -4.53 28.44
C ASP B 84 2.23 -3.38 27.41
N PRO B 85 1.44 -2.30 27.64
CA PRO B 85 1.45 -1.18 26.70
C PRO B 85 2.79 -0.39 26.64
N VAL B 86 3.66 -0.59 27.62
CA VAL B 86 5.05 -0.12 27.53
C VAL B 86 5.75 -0.78 26.32
N LEU B 87 5.43 -2.05 26.04
CA LEU B 87 5.95 -2.78 24.89
C LEU B 87 5.18 -2.46 23.61
N MET B 88 3.85 -2.42 23.69
CA MET B 88 3.01 -2.10 22.53
C MET B 88 3.31 -0.74 21.89
N ALA B 89 3.55 0.30 22.69
CA ALA B 89 3.71 1.66 22.15
C ALA B 89 4.83 1.81 21.11
N PRO B 90 6.08 1.39 21.44
CA PRO B 90 7.11 1.38 20.40
C PRO B 90 6.88 0.41 19.24
N THR B 91 6.16 -0.68 19.49
CA THR B 91 5.78 -1.63 18.44
C THR B 91 4.90 -0.98 17.37
N CYS B 92 4.03 -0.08 17.81
CA CYS B 92 3.10 0.64 16.92
C CYS B 92 3.85 1.67 16.06
N VAL B 93 4.76 2.40 16.70
CA VAL B 93 5.68 3.32 16.00
C VAL B 93 6.48 2.55 14.94
N PHE B 94 6.97 1.37 15.32
CA PHE B 94 7.81 0.51 14.48
C PHE B 94 7.06 -0.06 13.27
N LEU B 95 5.84 -0.56 13.50
CA LEU B 95 4.99 -1.10 12.41
C LEU B 95 4.54 0.02 11.46
N ALA B 96 4.14 1.16 12.04
CA ALA B 96 3.68 2.31 11.26
C ALA B 96 4.78 2.84 10.34
N SER B 97 6.01 2.88 10.86
CA SER B 97 7.16 3.33 10.08
C SER B 97 7.36 2.50 8.81
N LYS B 98 7.19 1.18 8.94
CA LYS B 98 7.31 0.26 7.80
C LYS B 98 6.24 0.45 6.71
N VAL B 99 5.09 1.04 7.06
CA VAL B 99 4.04 1.35 6.08
C VAL B 99 4.51 2.45 5.13
N GLU B 100 5.39 3.33 5.63
CA GLU B 100 6.03 4.36 4.81
C GLU B 100 7.17 3.81 3.97
N GLU B 101 7.53 4.61 2.98
CA GLU B 101 8.51 4.24 1.97
C GLU B 101 9.80 5.07 2.01
N PHE B 102 9.74 6.29 2.56
CA PHE B 102 10.88 7.21 2.60
C PHE B 102 11.61 7.03 3.94
N GLY B 103 12.70 6.26 3.91
CA GLY B 103 13.50 5.97 5.10
C GLY B 103 12.97 4.83 5.95
N VAL B 104 13.88 4.18 6.68
CA VAL B 104 13.57 3.02 7.53
C VAL B 104 14.11 3.24 8.93
N VAL B 105 13.34 2.86 9.96
CA VAL B 105 13.86 2.78 11.34
C VAL B 105 14.53 1.42 11.57
N SER B 106 15.77 1.41 12.03
CA SER B 106 16.45 0.16 12.35
C SER B 106 16.07 -0.34 13.74
N ASN B 107 16.47 -1.58 14.04
CA ASN B 107 16.20 -2.21 15.33
C ASN B 107 16.85 -1.48 16.49
N THR B 108 18.17 -1.31 16.41
CA THR B 108 18.93 -0.66 17.48
C THR B 108 18.50 0.79 17.70
N ARG B 109 18.02 1.45 16.65
CA ARG B 109 17.50 2.82 16.76
C ARG B 109 16.14 2.89 17.46
N LEU B 110 15.29 1.90 17.24
CA LEU B 110 14.00 1.83 17.94
C LEU B 110 14.17 1.55 19.45
N ILE B 111 14.98 0.54 19.79
CA ILE B 111 15.22 0.18 21.20
C ILE B 111 15.98 1.30 21.92
N ALA B 112 16.87 1.98 21.21
CA ALA B 112 17.58 3.15 21.74
C ALA B 112 16.60 4.27 22.05
N ALA B 113 15.68 4.53 21.13
CA ALA B 113 14.63 5.54 21.30
C ALA B 113 13.66 5.23 22.44
N ALA B 114 13.22 3.98 22.55
CA ALA B 114 12.36 3.56 23.66
C ALA B 114 13.07 3.73 25.03
N THR B 115 14.32 3.26 25.12
CA THR B 115 15.11 3.38 26.34
C THR B 115 15.28 4.85 26.76
N SER B 116 15.80 5.65 25.84
CA SER B 116 16.12 7.06 26.11
C SER B 116 14.90 7.93 26.39
N VAL B 117 13.82 7.73 25.63
CA VAL B 117 12.59 8.52 25.83
C VAL B 117 11.99 8.33 27.22
N LEU B 118 11.90 7.07 27.67
CA LEU B 118 11.27 6.77 28.96
C LEU B 118 12.12 7.23 30.14
N LYS B 119 13.44 7.18 30.01
CA LYS B 119 14.36 7.58 31.09
C LYS B 119 14.41 9.10 31.28
N THR B 120 14.44 9.84 30.16
CA THR B 120 14.61 11.31 30.20
C THR B 120 13.29 12.06 30.29
N ARG B 121 12.30 11.68 29.49
CA ARG B 121 11.00 12.38 29.44
C ARG B 121 9.86 11.76 30.27
N PHE B 122 10.07 10.57 30.86
CA PHE B 122 8.97 9.89 31.58
C PHE B 122 9.40 9.17 32.88
N SER B 123 10.47 9.64 33.54
CA SER B 123 10.95 9.00 34.76
C SER B 123 10.05 9.24 35.98
N TYR B 124 9.06 10.11 35.83
CA TYR B 124 8.01 10.28 36.84
C TYR B 124 7.03 9.10 36.93
N ALA B 125 6.86 8.40 35.79
CA ALA B 125 5.97 7.24 35.69
C ALA B 125 6.69 5.88 35.78
N PHE B 126 8.00 5.87 35.53
CA PHE B 126 8.79 4.63 35.46
C PHE B 126 10.07 4.76 36.29
N PRO B 127 10.18 4.01 37.40
CA PRO B 127 11.46 3.96 38.13
C PRO B 127 12.54 3.16 37.39
N LYS B 128 12.21 1.96 36.93
CA LYS B 128 13.17 1.07 36.27
C LYS B 128 13.24 1.32 34.77
N GLU B 129 14.39 1.02 34.17
CA GLU B 129 14.64 1.27 32.74
C GLU B 129 13.85 0.31 31.85
N PHE B 130 13.68 0.71 30.59
CA PHE B 130 12.95 -0.08 29.57
C PHE B 130 13.54 -1.50 29.41
N PRO B 131 12.84 -2.52 29.95
CA PRO B 131 13.46 -3.85 30.05
C PRO B 131 13.48 -4.70 28.77
N TYR B 132 12.75 -4.29 27.74
CA TYR B 132 12.52 -5.15 26.59
C TYR B 132 13.66 -5.06 25.58
N ARG B 133 14.03 -6.24 25.06
CA ARG B 133 14.97 -6.37 23.96
C ARG B 133 14.21 -6.32 22.63
N MET B 134 14.95 -6.38 21.53
CA MET B 134 14.35 -6.24 20.20
C MET B 134 13.39 -7.39 19.84
N ASN B 135 13.76 -8.63 20.16
CA ASN B 135 12.92 -9.77 19.81
C ASN B 135 11.53 -9.76 20.48
N HIS B 136 11.42 -9.05 21.61
CA HIS B 136 10.12 -8.77 22.25
C HIS B 136 9.21 -7.89 21.37
N ILE B 137 9.77 -6.80 20.81
CA ILE B 137 9.08 -5.94 19.83
C ILE B 137 8.62 -6.78 18.63
N LEU B 138 9.52 -7.60 18.12
CA LEU B 138 9.26 -8.44 16.95
C LEU B 138 8.15 -9.45 17.19
N GLU B 139 8.14 -10.11 18.36
CA GLU B 139 7.03 -10.99 18.75
C GLU B 139 5.72 -10.21 18.85
N CYS B 140 5.78 -9.06 19.52
CA CYS B 140 4.63 -8.17 19.68
C CYS B 140 4.10 -7.63 18.35
N GLU B 141 4.99 -7.41 17.39
CA GLU B 141 4.57 -6.92 16.08
C GLU B 141 3.57 -7.86 15.42
N PHE B 142 3.91 -9.15 15.39
CA PHE B 142 3.04 -10.19 14.84
C PHE B 142 1.65 -10.19 15.46
N TYR B 143 1.57 -10.06 16.78
CA TYR B 143 0.27 -9.99 17.47
C TYR B 143 -0.50 -8.74 17.06
N LEU B 144 0.19 -7.60 17.00
CA LEU B 144 -0.45 -6.34 16.58
C LEU B 144 -1.07 -6.45 15.19
N LEU B 145 -0.29 -6.92 14.23
CA LEU B 145 -0.74 -7.03 12.82
C LEU B 145 -1.94 -7.95 12.68
N GLU B 146 -1.82 -9.13 13.28
CA GLU B 146 -2.87 -10.14 13.30
C GLU B 146 -4.16 -9.60 13.90
N LEU B 147 -4.04 -9.00 15.07
CA LEU B 147 -5.20 -8.61 15.84
C LEU B 147 -5.84 -7.30 15.34
N MET B 148 -5.14 -6.60 14.44
CA MET B 148 -5.76 -5.52 13.62
C MET B 148 -6.31 -6.04 12.27
N ASP B 149 -6.23 -7.35 12.05
CA ASP B 149 -6.76 -7.98 10.83
C ASP B 149 -6.07 -7.39 9.58
N CYS B 150 -4.75 -7.21 9.69
CA CYS B 150 -3.91 -6.66 8.62
C CYS B 150 -4.33 -5.30 8.05
N CYS B 151 -5.09 -4.53 8.83
CA CYS B 151 -5.57 -3.19 8.41
C CYS B 151 -4.56 -2.12 8.78
N LEU B 152 -3.77 -1.67 7.82
CA LEU B 152 -2.65 -0.77 8.07
C LEU B 152 -2.78 0.68 7.54
N ILE B 153 -3.63 0.90 6.55
CA ILE B 153 -3.85 2.22 5.97
C ILE B 153 -4.92 2.98 6.78
N VAL B 154 -4.47 4.03 7.47
CA VAL B 154 -5.30 4.85 8.36
C VAL B 154 -5.42 6.25 7.76
N TYR B 155 -6.64 6.79 7.77
CA TYR B 155 -6.94 8.11 7.25
C TYR B 155 -7.04 9.04 8.44
N HIS B 156 -6.47 10.23 8.33
CA HIS B 156 -6.34 11.18 9.45
C HIS B 156 -6.91 12.56 9.09
N PRO B 157 -7.31 13.36 10.11
CA PRO B 157 -7.96 14.65 9.84
C PRO B 157 -7.10 15.77 9.26
N TYR B 158 -5.79 15.59 9.18
CA TYR B 158 -4.88 16.65 8.69
C TYR B 158 -5.12 17.01 7.22
N ARG B 159 -5.28 16.00 6.37
CA ARG B 159 -5.46 16.23 4.93
C ARG B 159 -6.74 17.01 4.63
N PRO B 160 -7.89 16.58 5.16
CA PRO B 160 -9.08 17.44 5.01
C PRO B 160 -8.96 18.83 5.64
N LEU B 161 -8.21 18.96 6.74
CA LEU B 161 -8.01 20.27 7.37
C LEU B 161 -7.29 21.26 6.46
N LEU B 162 -6.20 20.80 5.85
CA LEU B 162 -5.44 21.59 4.87
C LEU B 162 -6.34 22.05 3.72
N GLN B 163 -7.22 21.17 3.27
CA GLN B 163 -8.15 21.47 2.19
C GLN B 163 -9.16 22.55 2.60
N TYR B 164 -9.75 22.41 3.78
CA TYR B 164 -10.72 23.39 4.29
C TYR B 164 -10.15 24.80 4.54
N VAL B 165 -9.02 24.91 5.25
CA VAL B 165 -8.44 26.24 5.52
C VAL B 165 -8.10 27.04 4.24
N GLN B 166 -7.57 26.33 3.24
CA GLN B 166 -7.27 26.94 1.94
C GLN B 166 -8.54 27.33 1.19
N ASP B 167 -9.62 26.58 1.39
CA ASP B 167 -10.96 26.93 0.90
C ASP B 167 -11.41 28.29 1.47
N MET B 168 -11.25 28.46 2.79
CA MET B 168 -11.52 29.75 3.45
C MET B 168 -10.55 30.85 3.02
N GLY B 169 -9.28 30.49 2.86
CA GLY B 169 -8.20 31.44 2.61
C GLY B 169 -7.65 32.02 3.90
N GLN B 170 -7.62 31.21 4.95
CA GLN B 170 -7.12 31.62 6.27
C GLN B 170 -6.10 30.59 6.77
N GLU B 171 -5.05 30.42 5.99
CA GLU B 171 -3.98 29.47 6.30
C GLU B 171 -3.05 30.02 7.39
N ASP B 172 -2.62 31.27 7.22
CA ASP B 172 -1.79 31.95 8.23
C ASP B 172 -2.50 32.10 9.58
N MET B 173 -3.78 32.45 9.56
CA MET B 173 -4.52 32.74 10.78
C MET B 173 -4.91 31.48 11.56
N LEU B 174 -5.49 30.50 10.85
CA LEU B 174 -6.18 29.36 11.50
C LEU B 174 -5.41 28.03 11.54
N LEU B 175 -4.55 27.78 10.55
CA LEU B 175 -4.00 26.43 10.33
C LEU B 175 -3.16 25.89 11.49
N PRO B 176 -2.20 26.69 12.01
CA PRO B 176 -1.41 26.20 13.14
C PRO B 176 -2.23 25.85 14.39
N LEU B 177 -3.23 26.67 14.71
CA LEU B 177 -4.10 26.37 15.85
C LEU B 177 -4.99 25.15 15.59
N ALA B 178 -5.60 25.08 14.40
CA ALA B 178 -6.46 23.94 14.04
C ALA B 178 -5.68 22.62 13.98
N TRP B 179 -4.47 22.65 13.42
CA TRP B 179 -3.59 21.48 13.33
C TRP B 179 -3.23 20.99 14.74
N ARG B 180 -2.98 21.95 15.62
CA ARG B 180 -2.72 21.67 17.02
C ARG B 180 -3.93 21.03 17.71
N ILE B 181 -5.13 21.56 17.44
CA ILE B 181 -6.37 20.98 17.99
C ILE B 181 -6.60 19.56 17.43
N VAL B 182 -6.32 19.33 16.15
CA VAL B 182 -6.34 17.96 15.60
C VAL B 182 -5.42 17.03 16.42
N ASN B 183 -4.18 17.46 16.70
CA ASN B 183 -3.24 16.67 17.54
C ASN B 183 -3.87 16.27 18.89
N ASP B 184 -4.60 17.20 19.50
CA ASP B 184 -5.26 16.96 20.79
C ASP B 184 -6.40 15.98 20.73
N THR B 185 -7.06 15.85 19.58
CA THR B 185 -8.18 14.90 19.45
C THR B 185 -7.74 13.46 19.58
N TYR B 186 -6.46 13.19 19.32
CA TYR B 186 -5.87 11.88 19.57
C TYR B 186 -5.72 11.51 21.07
N ARG B 187 -5.94 12.47 21.96
CA ARG B 187 -6.09 12.17 23.38
C ARG B 187 -7.49 11.60 23.71
N THR B 188 -8.37 11.47 22.71
CA THR B 188 -9.74 10.96 22.88
C THR B 188 -10.00 9.76 21.95
N ASP B 189 -11.22 9.22 22.01
CA ASP B 189 -11.68 8.14 21.12
C ASP B 189 -12.19 8.59 19.76
N LEU B 190 -12.15 9.90 19.47
CA LEU B 190 -12.76 10.47 18.26
C LEU B 190 -12.46 9.68 16.97
N CYS B 191 -11.19 9.29 16.79
CA CYS B 191 -10.79 8.56 15.58
C CYS B 191 -11.41 7.16 15.44
N LEU B 192 -11.91 6.58 16.53
CA LEU B 192 -12.66 5.32 16.46
C LEU B 192 -14.15 5.47 16.16
N LEU B 193 -14.65 6.71 16.18
CA LEU B 193 -16.10 7.00 16.15
C LEU B 193 -16.58 7.85 14.97
N TYR B 194 -15.73 8.73 14.44
CA TYR B 194 -16.15 9.62 13.34
C TYR B 194 -15.15 9.57 12.19
N PRO B 195 -15.62 9.69 10.93
CA PRO B 195 -14.70 9.89 9.81
C PRO B 195 -13.75 11.08 10.05
N PRO B 196 -12.49 10.99 9.58
CA PRO B 196 -11.52 12.07 9.71
C PRO B 196 -12.02 13.49 9.35
N PHE B 197 -12.71 13.64 8.21
CA PHE B 197 -13.12 14.98 7.74
C PHE B 197 -14.05 15.72 8.73
N MET B 198 -14.87 14.95 9.45
CA MET B 198 -15.76 15.52 10.49
C MET B 198 -14.98 16.00 11.72
N ILE B 199 -13.96 15.23 12.11
CA ILE B 199 -13.05 15.64 13.18
C ILE B 199 -12.38 16.97 12.80
N ALA B 200 -11.97 17.12 11.53
CA ALA B 200 -11.27 18.33 11.06
C ALA B 200 -12.14 19.59 11.01
N LEU B 201 -13.39 19.43 10.58
CA LEU B 201 -14.35 20.53 10.60
C LEU B 201 -14.62 21.02 12.03
N ALA B 202 -14.75 20.08 12.97
CA ALA B 202 -14.91 20.40 14.39
C ALA B 202 -13.71 21.17 14.92
N CYS B 203 -12.50 20.68 14.61
CA CYS B 203 -11.25 21.33 15.03
C CYS B 203 -11.10 22.75 14.48
N LEU B 204 -11.51 22.94 13.23
CA LEU B 204 -11.49 24.24 12.56
C LEU B 204 -12.57 25.16 13.13
N HIS B 205 -13.73 24.59 13.48
CA HIS B 205 -14.77 25.34 14.20
C HIS B 205 -14.24 25.93 15.51
N VAL B 206 -13.56 25.10 16.30
CA VAL B 206 -13.01 25.55 17.58
C VAL B 206 -11.91 26.59 17.38
N ALA B 207 -11.06 26.40 16.36
CA ALA B 207 -10.02 27.38 16.04
C ALA B 207 -10.60 28.75 15.69
N CYS B 208 -11.73 28.76 14.96
CA CYS B 208 -12.49 29.98 14.69
C CYS B 208 -13.05 30.67 15.93
N VAL B 209 -13.58 29.88 16.86
CA VAL B 209 -14.20 30.43 18.08
C VAL B 209 -13.13 31.00 19.00
N VAL B 210 -11.99 30.32 19.10
CA VAL B 210 -10.86 30.80 19.91
C VAL B 210 -10.29 32.10 19.34
N GLN B 211 -10.08 32.14 18.02
CA GLN B 211 -9.55 33.34 17.35
C GLN B 211 -10.59 34.38 16.93
N GLN B 212 -11.87 34.12 17.22
CA GLN B 212 -12.98 35.05 16.95
C GLN B 212 -13.18 35.40 15.45
N LYS B 213 -12.88 34.42 14.58
CA LYS B 213 -13.22 34.51 13.15
C LYS B 213 -14.65 34.02 13.01
N ASP B 214 -15.47 34.74 12.25
CA ASP B 214 -16.85 34.34 11.93
C ASP B 214 -16.86 33.59 10.60
N ALA B 215 -17.12 32.29 10.68
CA ALA B 215 -17.27 31.42 9.51
C ALA B 215 -18.68 30.79 9.45
N ARG B 216 -19.67 31.46 10.02
CA ARG B 216 -21.04 30.92 10.07
C ARG B 216 -21.62 30.61 8.67
N GLN B 217 -21.33 31.46 7.69
CA GLN B 217 -21.79 31.25 6.32
C GLN B 217 -20.94 30.25 5.54
N TRP B 218 -19.64 30.19 5.82
CA TRP B 218 -18.78 29.17 5.20
C TRP B 218 -19.21 27.75 5.63
N PHE B 219 -19.35 27.55 6.94
CA PHE B 219 -19.88 26.29 7.47
C PHE B 219 -21.30 25.99 6.97
N ALA B 220 -22.13 27.02 6.83
CA ALA B 220 -23.46 26.87 6.24
C ALA B 220 -23.41 26.39 4.78
N GLU B 221 -22.39 26.82 4.03
CA GLU B 221 -22.18 26.39 2.63
C GLU B 221 -21.76 24.92 2.48
N LEU B 222 -21.44 24.26 3.60
CA LEU B 222 -21.19 22.81 3.61
C LEU B 222 -22.51 22.02 3.66
N SER B 223 -22.42 20.76 3.25
CA SER B 223 -23.53 19.80 3.35
C SER B 223 -23.07 18.68 4.28
N VAL B 224 -23.40 18.78 5.55
CA VAL B 224 -22.91 17.84 6.56
C VAL B 224 -23.82 17.82 7.79
N ASP B 225 -23.85 16.69 8.48
CA ASP B 225 -24.68 16.52 9.68
C ASP B 225 -24.05 17.36 10.80
N MET B 226 -24.64 18.52 11.06
CA MET B 226 -24.09 19.47 12.03
C MET B 226 -24.23 19.03 13.49
N GLU B 227 -25.21 18.16 13.77
CA GLU B 227 -25.35 17.56 15.12
C GLU B 227 -24.09 16.76 15.44
N LYS B 228 -23.66 15.93 14.50
CA LYS B 228 -22.41 15.17 14.64
C LYS B 228 -21.15 16.03 14.82
N ILE B 229 -21.10 17.19 14.17
CA ILE B 229 -19.97 18.11 14.31
C ILE B 229 -19.95 18.68 15.75
N LEU B 230 -21.12 19.13 16.21
CA LEU B 230 -21.30 19.63 17.58
C LEU B 230 -20.95 18.58 18.61
N GLU B 231 -21.35 17.33 18.37
CA GLU B 231 -20.94 16.20 19.23
C GLU B 231 -19.42 16.19 19.45
N ILE B 232 -18.67 16.34 18.37
CA ILE B 232 -17.20 16.31 18.40
C ILE B 232 -16.63 17.54 19.11
N ILE B 233 -17.26 18.70 18.86
CA ILE B 233 -16.89 19.94 19.55
C ILE B 233 -17.01 19.77 21.06
N ARG B 234 -18.12 19.17 21.53
CA ARG B 234 -18.31 18.89 22.97
C ARG B 234 -17.23 18.00 23.56
N VAL B 235 -16.75 17.03 22.77
CA VAL B 235 -15.67 16.12 23.21
C VAL B 235 -14.34 16.86 23.36
N ILE B 236 -14.03 17.73 22.41
CA ILE B 236 -12.84 18.57 22.45
C ILE B 236 -12.86 19.48 23.67
N LEU B 237 -14.00 20.13 23.91
CA LEU B 237 -14.11 21.04 25.05
C LEU B 237 -14.02 20.32 26.39
N LYS B 238 -14.59 19.12 26.48
CA LYS B 238 -14.49 18.30 27.70
C LYS B 238 -13.06 17.82 27.94
N LEU B 239 -12.30 17.56 26.87
CA LEU B 239 -10.88 17.19 26.97
C LEU B 239 -10.02 18.29 27.63
N TYR B 240 -10.26 19.55 27.26
CA TYR B 240 -9.52 20.67 27.84
C TYR B 240 -9.85 20.92 29.32
N GLU B 241 -11.02 20.47 29.77
CA GLU B 241 -11.36 20.55 31.20
C GLU B 241 -10.66 19.44 32.00
N GLN B 242 -10.53 18.25 31.40
CA GLN B 242 -9.68 17.20 31.98
C GLN B 242 -8.24 17.65 32.10
N TRP B 243 -7.70 18.20 31.01
CA TRP B 243 -6.32 18.72 30.91
C TRP B 243 -5.97 19.64 32.09
N LYS B 244 -6.82 20.65 32.27
CA LYS B 244 -6.80 21.56 33.41
C LYS B 244 -6.69 20.78 34.72
N ASN B 245 -7.60 19.83 34.92
CA ASN B 245 -7.75 19.12 36.21
C ASN B 245 -6.92 17.84 36.36
N PHE B 246 -6.02 17.58 35.41
CA PHE B 246 -5.19 16.39 35.37
C PHE B 246 -3.74 16.83 35.49
N ASP B 247 -3.06 16.39 36.55
CA ASP B 247 -1.60 16.48 36.60
C ASP B 247 -1.01 15.12 36.28
N GLU B 248 -0.81 14.91 34.99
CA GLU B 248 -0.13 13.74 34.43
C GLU B 248 1.11 13.33 35.24
N ARG B 249 1.95 14.29 35.57
CA ARG B 249 3.22 14.02 36.24
C ARG B 249 3.06 13.50 37.67
N LYS B 250 2.08 14.01 38.39
CA LYS B 250 1.82 13.59 39.76
C LYS B 250 1.05 12.27 39.87
N GLU B 251 0.23 11.96 38.87
CA GLU B 251 -0.77 10.88 38.97
C GLU B 251 -0.40 9.54 38.33
N MET B 252 0.45 9.55 37.30
CA MET B 252 0.60 8.34 36.45
C MET B 252 1.32 7.15 37.10
N ALA B 253 2.16 7.38 38.10
CA ALA B 253 2.76 6.28 38.88
C ALA B 253 1.67 5.45 39.54
N THR B 254 0.75 6.13 40.23
CA THR B 254 -0.35 5.48 40.95
C THR B 254 -1.33 4.77 40.01
N ILE B 255 -1.65 5.42 38.89
CA ILE B 255 -2.56 4.85 37.90
C ILE B 255 -1.94 3.61 37.24
N LEU B 256 -0.67 3.71 36.82
CA LEU B 256 0.02 2.57 36.22
C LEU B 256 0.18 1.37 37.19
N SER B 257 0.15 1.61 38.50
CA SER B 257 0.09 0.51 39.47
C SER B 257 -1.31 -0.08 39.64
N LYS B 258 -2.36 0.69 39.34
CA LYS B 258 -3.74 0.15 39.30
C LYS B 258 -4.01 -0.73 38.09
N MET B 259 -3.36 -0.45 36.96
CA MET B 259 -3.49 -1.23 35.71
C MET B 259 -3.44 -2.72 35.96
N PRO B 260 -4.39 -3.48 35.41
CA PRO B 260 -4.26 -4.93 35.54
C PRO B 260 -3.04 -5.42 34.77
N LYS B 261 -2.40 -6.45 35.28
CA LYS B 261 -1.09 -6.89 34.77
C LYS B 261 -1.19 -8.29 34.15
N PRO B 262 -0.41 -8.55 33.09
CA PRO B 262 -0.29 -9.87 32.46
C PRO B 262 -0.02 -11.02 33.45
N LYS B 263 -0.85 -12.06 33.38
CA LYS B 263 -0.63 -13.28 34.16
C LYS B 263 0.50 -14.09 33.52
N PRO B 264 1.55 -14.42 34.28
CA PRO B 264 2.61 -15.28 33.75
C PRO B 264 2.19 -16.76 33.83
N PRO B 265 2.98 -17.67 33.20
CA PRO B 265 2.72 -19.11 33.36
C PRO B 265 3.11 -19.64 34.75
N PRO B 266 2.80 -20.92 35.04
CA PRO B 266 3.33 -21.58 36.24
C PRO B 266 4.73 -22.17 36.01
C1 68U C . 5.20 -13.49 -7.07
C3 68U C . 2.76 -13.54 -6.98
C5 68U C . 1.48 -14.24 -7.27
C7 68U C . 0.35 -15.84 -8.55
C8 68U C . -0.86 -15.53 -7.88
C11 68U C . -2.02 -16.24 -8.24
C15 68U C . 1.53 -17.21 -10.31
C16 68U C . 2.13 -16.23 -11.10
C17 68U C . 3.27 -16.51 -11.84
C18 68U C . 4.01 -15.53 -12.71
O20 68U C . 6.60 -16.14 -12.76
N22 68U C . 5.00 -17.99 -12.59
C23 68U C . 5.78 -19.22 -12.73
C24 68U C . 3.85 -17.78 -11.81
N2 68U C . 3.93 -14.14 -7.31
O4 68U C . 2.74 -12.42 -6.50
N6 68U C . 1.46 -15.18 -8.22
C9 68U C . -0.87 -14.54 -6.88
C10 68U C . 0.30 -13.89 -6.58
N12 68U C . -2.00 -17.15 -9.18
C13 68U C . -0.88 -17.47 -9.83
C14 68U C . 0.32 -16.86 -9.56
S19 68U C . 5.37 -16.55 -13.34
O21 68U C . 5.18 -16.80 -14.73
C25 68U C . 3.21 -18.77 -11.01
C26 68U C . 2.08 -18.50 -10.28
C FMT D . -6.53 -11.23 7.09
O1 FMT D . -6.42 -12.31 6.54
O2 FMT D . -7.02 -10.26 6.50
C FMT E . -4.27 7.61 3.47
O1 FMT E . -3.14 7.15 3.52
O2 FMT E . -4.69 8.09 2.42
#